data_9LR5
#
_entry.id   9LR5
#
_cell.length_a   186.136
_cell.length_b   52.787
_cell.length_c   79.827
_cell.angle_alpha   90.00
_cell.angle_beta   97.44
_cell.angle_gamma   90.00
#
_symmetry.space_group_name_H-M   'C 1 2 1'
#
loop_
_entity.id
_entity.type
_entity.pdbx_description
1 polymer 'O-GlcNAcase BT_4395'
2 non-polymer 'CALCIUM ION'
#
_entity_poly.entity_id   1
_entity_poly.type   'polypeptide(L)'
_entity_poly.pdbx_seq_one_letter_code
;MHHHHHHQNVSLQPPPQQLIVQNKTIDLPAVYQLNGGEEANPHAVKVLKELLSGKQSSKKGMLISIGEKGDKSVRKYSRQ
IPDHKEGYYLSVNEKEIVLAGNDERGTYYALQTFAQLLKDGKLPEVEIKDYPSVRYRGVVEGFYGTPWSHQARLSQLKFY
GKNKMNTYIYGPKDDPYHSAPNWRLPYPDKEAAQLQELVAVANENEVDFVWAIHPGQDIKWNKEDRDLLLAKFEKMYQLG
VRSFAVFFDNISGEGTNPQKQAELLNYIDEKFAQVKPDINQLVMCPTEYNKSWSNPNGNYLTTLGDKLNPSIQIMWTGDR
VISDITRDGISWINERIKRPAYIWWNFPVSDYVRDHLLLGPVYGNDTTIAKEMSGFVTNPMEHAESSKIAIYSVASYAWN
PAKYDTWQTWKDAIRTILPSAAEELECFAMHNSDLGPNGHGYRREESMDIQPAAERFLKAFKEGKNYDKADFETLQYTFE
RMKESADILLMNTENKPLIVEITPWVHQFKLTAEMGEEVLKMVEGRNESYFLRKYNHVKALQQQMFYIDQTSNQNPYQPG
VKTATRVIKPLIDRTFATVVKFFNQKFNAHLDATTDYMPHKMISNVEQIKNLPLQVKANRVLISPANEVVKWAAGNSVEI
ELDAIYPGENIQINFGKDAPCTWGRLEISTDGKEWKTVDLKQKESRLSAGLQKAPVKFVRFTNVSDEEQQVYLRQFVLTI
EKK
;
_entity_poly.pdbx_strand_id   A
#
# COMPACT_ATOMS: atom_id res chain seq x y z
N SER A 11 -11.33 -0.18 18.50
CA SER A 11 -10.29 0.10 17.54
C SER A 11 -10.87 0.23 16.12
N LEU A 12 -10.88 1.45 15.60
CA LEU A 12 -11.41 1.74 14.28
C LEU A 12 -10.28 2.12 13.33
N GLN A 13 -10.44 1.74 12.06
CA GLN A 13 -9.46 2.04 11.02
C GLN A 13 -10.19 2.38 9.73
N PRO A 14 -9.92 3.54 9.11
CA PRO A 14 -9.00 4.57 9.62
C PRO A 14 -9.59 5.32 10.81
N PRO A 15 -8.73 5.83 11.70
CA PRO A 15 -9.22 6.47 12.92
C PRO A 15 -10.07 7.69 12.60
N PRO A 16 -11.29 7.77 13.13
CA PRO A 16 -12.14 8.92 12.85
C PRO A 16 -11.63 10.18 13.53
N GLN A 17 -12.15 11.32 13.07
CA GLN A 17 -11.72 12.61 13.61
C GLN A 17 -12.21 12.78 15.04
N GLN A 18 -13.52 12.76 15.25
CA GLN A 18 -14.11 12.92 16.58
C GLN A 18 -14.90 11.67 16.93
N LEU A 19 -14.58 11.06 18.07
CA LEU A 19 -15.19 9.83 18.52
C LEU A 19 -15.47 9.92 20.01
N ILE A 20 -16.72 9.63 20.40
CA ILE A 20 -17.13 9.62 21.80
C ILE A 20 -17.74 8.25 22.08
N VAL A 21 -17.27 7.62 23.16
CA VAL A 21 -17.73 6.29 23.58
C VAL A 21 -18.36 6.41 24.95
N GLN A 22 -19.45 5.67 25.18
CA GLN A 22 -20.23 5.76 26.40
C GLN A 22 -19.96 4.60 27.37
N ASN A 23 -19.05 3.69 27.03
CA ASN A 23 -18.67 2.56 27.90
C ASN A 23 -19.84 1.62 28.17
N LYS A 24 -20.77 1.51 27.21
CA LYS A 24 -21.90 0.61 27.34
C LYS A 24 -22.24 0.02 25.97
N THR A 25 -22.79 -1.19 25.99
CA THR A 25 -23.12 -1.92 24.77
C THR A 25 -24.63 -1.97 24.57
N ILE A 26 -25.04 -2.20 23.32
CA ILE A 26 -26.44 -2.26 22.94
C ILE A 26 -26.68 -3.58 22.20
N ASP A 27 -27.73 -4.29 22.57
CA ASP A 27 -28.04 -5.57 21.96
C ASP A 27 -28.52 -5.38 20.52
N LEU A 28 -28.45 -6.46 19.75
CA LEU A 28 -28.84 -6.41 18.35
C LEU A 28 -30.34 -6.17 18.23
N PRO A 29 -30.78 -5.26 17.36
CA PRO A 29 -32.22 -5.11 17.12
C PRO A 29 -32.75 -6.20 16.21
N ALA A 30 -33.47 -7.17 16.79
CA ALA A 30 -34.05 -8.25 15.99
C ALA A 30 -35.13 -7.71 15.05
N VAL A 31 -35.90 -6.73 15.52
CA VAL A 31 -36.88 -6.03 14.71
C VAL A 31 -36.45 -4.58 14.60
N TYR A 32 -36.62 -4.00 13.41
CA TYR A 32 -36.22 -2.62 13.18
C TYR A 32 -37.12 -2.00 12.13
N GLN A 33 -37.25 -0.68 12.18
CA GLN A 33 -38.01 0.08 11.20
C GLN A 33 -37.05 1.09 10.56
N LEU A 34 -36.35 0.64 9.54
CA LEU A 34 -35.42 1.51 8.81
C LEU A 34 -36.20 2.53 8.00
N ASN A 35 -35.69 3.76 7.96
CA ASN A 35 -36.32 4.80 7.14
C ASN A 35 -35.26 5.50 6.30
N GLY A 36 -35.71 6.04 5.16
CA GLY A 36 -34.82 6.76 4.27
C GLY A 36 -34.08 5.90 3.28
N GLY A 37 -34.41 4.61 3.17
CA GLY A 37 -33.73 3.75 2.22
C GLY A 37 -33.99 4.10 0.77
N GLU A 38 -35.09 4.79 0.49
CA GLU A 38 -35.42 5.16 -0.89
C GLU A 38 -34.62 6.36 -1.39
N GLU A 39 -34.05 7.16 -0.49
CA GLU A 39 -33.27 8.33 -0.87
C GLU A 39 -31.82 8.28 -0.47
N ALA A 40 -31.42 7.38 0.43
CA ALA A 40 -30.02 7.24 0.79
C ALA A 40 -29.25 6.55 -0.34
N ASN A 41 -27.95 6.42 -0.15
CA ASN A 41 -27.09 5.76 -1.13
C ASN A 41 -27.50 4.31 -1.26
N PRO A 42 -27.87 3.84 -2.46
CA PRO A 42 -28.27 2.42 -2.61
C PRO A 42 -27.17 1.45 -2.23
N HIS A 43 -25.90 1.79 -2.49
CA HIS A 43 -24.81 0.89 -2.14
C HIS A 43 -24.68 0.75 -0.63
N ALA A 44 -24.73 1.88 0.09
CA ALA A 44 -24.73 1.83 1.54
C ALA A 44 -25.97 1.12 2.07
N VAL A 45 -27.10 1.26 1.38
CA VAL A 45 -28.32 0.56 1.79
C VAL A 45 -28.12 -0.95 1.69
N LYS A 46 -27.50 -1.41 0.61
CA LYS A 46 -27.23 -2.84 0.45
C LYS A 46 -26.24 -3.32 1.49
N VAL A 47 -25.18 -2.55 1.75
CA VAL A 47 -24.21 -2.93 2.77
C VAL A 47 -24.86 -3.01 4.14
N LEU A 48 -25.83 -2.13 4.41
CA LEU A 48 -26.54 -2.16 5.69
C LEU A 48 -27.45 -3.38 5.79
N LYS A 49 -28.23 -3.64 4.73
CA LYS A 49 -29.15 -4.77 4.76
C LYS A 49 -28.42 -6.10 4.82
N GLU A 50 -27.21 -6.17 4.24
CA GLU A 50 -26.41 -7.39 4.38
C GLU A 50 -26.02 -7.64 5.83
N LEU A 51 -25.91 -6.57 6.63
CA LEU A 51 -25.63 -6.70 8.05
C LEU A 51 -26.87 -7.02 8.87
N LEU A 52 -28.05 -6.99 8.26
CA LEU A 52 -29.29 -7.33 8.97
C LEU A 52 -29.89 -8.61 8.42
N GLY A 61 -39.97 -1.61 15.68
CA GLY A 61 -38.68 -1.92 16.24
C GLY A 61 -37.78 -0.70 16.39
N MET A 62 -36.48 -0.94 16.52
CA MET A 62 -35.52 0.15 16.65
C MET A 62 -35.47 0.96 15.37
N LEU A 63 -35.35 2.28 15.52
CA LEU A 63 -35.31 3.18 14.38
C LEU A 63 -33.89 3.34 13.86
N ILE A 64 -33.75 3.30 12.53
CA ILE A 64 -32.46 3.50 11.88
C ILE A 64 -32.67 4.50 10.74
N SER A 65 -32.04 5.66 10.87
CA SER A 65 -32.09 6.71 9.87
C SER A 65 -30.77 6.74 9.10
N ILE A 66 -30.87 6.96 7.80
CA ILE A 66 -29.70 6.96 6.91
C ILE A 66 -30.03 7.84 5.72
N GLY A 67 -29.05 8.64 5.29
CA GLY A 67 -29.23 9.46 4.12
C GLY A 67 -28.17 10.52 4.04
N GLU A 68 -28.12 11.15 2.86
CA GLU A 68 -27.26 12.29 2.63
C GLU A 68 -27.91 13.56 3.16
N LYS A 69 -27.08 14.57 3.44
CA LYS A 69 -27.59 15.82 3.99
C LYS A 69 -28.60 16.45 3.03
N GLY A 70 -29.80 16.68 3.54
CA GLY A 70 -30.90 17.22 2.76
C GLY A 70 -32.07 16.30 2.60
N ASP A 71 -31.89 15.00 2.83
CA ASP A 71 -32.99 14.05 2.75
C ASP A 71 -33.84 14.14 4.01
N LYS A 72 -35.11 13.74 3.87
CA LYS A 72 -36.06 13.85 4.97
C LYS A 72 -35.68 12.94 6.14
N SER A 73 -35.02 11.81 5.85
CA SER A 73 -34.69 10.86 6.91
C SER A 73 -33.65 11.39 7.88
N VAL A 74 -32.86 12.38 7.48
CA VAL A 74 -31.79 12.91 8.30
C VAL A 74 -31.99 14.40 8.60
N ARG A 75 -33.23 14.87 8.54
CA ARG A 75 -33.50 16.28 8.83
C ARG A 75 -33.13 16.62 10.27
N LYS A 76 -33.31 15.68 11.20
CA LYS A 76 -33.00 15.93 12.60
C LYS A 76 -31.51 16.03 12.87
N TYR A 77 -30.66 15.49 11.99
CA TYR A 77 -29.24 15.38 12.28
C TYR A 77 -28.38 16.11 11.25
N SER A 78 -28.97 17.04 10.51
CA SER A 78 -28.21 17.77 9.49
C SER A 78 -27.21 18.73 10.12
N ARG A 79 -27.48 19.22 11.33
CA ARG A 79 -26.58 20.16 11.98
C ARG A 79 -25.27 19.50 12.40
N GLN A 80 -25.33 18.23 12.81
CA GLN A 80 -24.14 17.54 13.30
C GLN A 80 -23.26 17.00 12.18
N ILE A 81 -23.71 17.04 10.94
CA ILE A 81 -22.91 16.54 9.81
C ILE A 81 -21.70 17.44 9.63
N PRO A 82 -20.49 16.88 9.51
CA PRO A 82 -19.33 17.71 9.16
C PRO A 82 -19.50 18.30 7.76
N ASP A 83 -19.12 19.57 7.63
CA ASP A 83 -19.25 20.27 6.36
C ASP A 83 -17.99 20.08 5.50
N HIS A 84 -17.69 18.81 5.23
CA HIS A 84 -16.56 18.43 4.39
C HIS A 84 -16.99 17.30 3.48
N LYS A 85 -16.39 17.26 2.30
CA LYS A 85 -16.68 16.16 1.37
C LYS A 85 -16.25 14.84 1.98
N GLU A 86 -17.03 13.80 1.73
CA GLU A 86 -16.80 12.45 2.24
C GLU A 86 -16.86 12.37 3.76
N GLY A 87 -17.54 13.33 4.41
CA GLY A 87 -17.72 13.28 5.84
C GLY A 87 -19.03 12.62 6.24
N TYR A 88 -19.13 12.26 7.52
CA TYR A 88 -20.32 11.56 7.99
C TYR A 88 -20.48 11.73 9.50
N TYR A 89 -21.72 11.48 9.94
CA TYR A 89 -22.11 11.50 11.35
C TYR A 89 -22.78 10.17 11.67
N LEU A 90 -22.24 9.47 12.65
CA LEU A 90 -22.70 8.13 13.03
C LEU A 90 -23.01 8.12 14.51
N SER A 91 -24.27 7.92 14.87
CA SER A 91 -24.73 7.94 16.25
C SER A 91 -25.42 6.63 16.58
N VAL A 92 -24.81 5.83 17.45
CA VAL A 92 -25.41 4.61 17.95
C VAL A 92 -25.65 4.79 19.45
N ASN A 93 -26.91 4.66 19.86
CA ASN A 93 -27.25 4.87 21.26
C ASN A 93 -28.40 3.93 21.63
N GLU A 94 -28.88 4.09 22.87
CA GLU A 94 -30.00 3.28 23.34
C GLU A 94 -31.27 3.59 22.56
N LYS A 95 -31.40 4.80 22.03
CA LYS A 95 -32.64 5.22 21.39
C LYS A 95 -32.76 4.64 19.97
N GLU A 96 -31.85 5.02 19.09
CA GLU A 96 -31.96 4.67 17.68
C GLU A 96 -30.56 4.56 17.08
N ILE A 97 -30.49 4.56 15.74
CA ILE A 97 -29.23 4.54 15.01
C ILE A 97 -29.31 5.58 13.90
N VAL A 98 -28.26 6.37 13.76
CA VAL A 98 -28.18 7.40 12.73
C VAL A 98 -26.89 7.19 11.94
N LEU A 99 -27.00 7.12 10.62
CA LEU A 99 -25.88 6.87 9.71
C LEU A 99 -25.83 7.94 8.63
N ALA A 100 -25.88 9.20 9.03
CA ALA A 100 -26.05 10.27 8.07
C ALA A 100 -24.71 10.63 7.43
N GLY A 101 -24.78 11.06 6.17
CA GLY A 101 -23.57 11.39 5.42
C GLY A 101 -23.66 12.77 4.80
N ASN A 102 -22.49 13.41 4.70
CA ASN A 102 -22.42 14.72 4.06
C ASN A 102 -22.78 14.62 2.58
N ASP A 103 -22.37 13.54 1.93
CA ASP A 103 -22.76 13.27 0.54
C ASP A 103 -22.95 11.77 0.40
N GLU A 104 -23.12 11.32 -0.84
CA GLU A 104 -23.46 9.91 -1.08
C GLU A 104 -22.30 8.98 -0.73
N ARG A 105 -21.06 9.46 -0.84
CA ARG A 105 -19.91 8.65 -0.45
C ARG A 105 -19.69 8.66 1.06
N GLY A 106 -20.04 9.77 1.72
CA GLY A 106 -19.95 9.81 3.17
C GLY A 106 -20.83 8.80 3.85
N THR A 107 -22.01 8.52 3.26
CA THR A 107 -22.88 7.48 3.81
C THR A 107 -22.23 6.11 3.70
N TYR A 108 -21.54 5.84 2.59
CA TYR A 108 -20.84 4.57 2.44
C TYR A 108 -19.72 4.45 3.45
N TYR A 109 -18.97 5.53 3.67
CA TYR A 109 -17.89 5.48 4.67
C TYR A 109 -18.46 5.31 6.08
N ALA A 110 -19.61 5.95 6.35
CA ALA A 110 -20.29 5.74 7.63
C ALA A 110 -20.69 4.29 7.80
N LEU A 111 -21.19 3.66 6.73
CA LEU A 111 -21.55 2.24 6.82
C LEU A 111 -20.34 1.36 7.02
N GLN A 112 -19.20 1.71 6.43
CA GLN A 112 -17.98 0.95 6.67
C GLN A 112 -17.56 1.03 8.14
N THR A 113 -17.58 2.24 8.71
CA THR A 113 -17.27 2.39 10.12
C THR A 113 -18.28 1.64 10.98
N PHE A 114 -19.55 1.65 10.57
CA PHE A 114 -20.59 0.95 11.32
C PHE A 114 -20.38 -0.56 11.30
N ALA A 115 -19.99 -1.11 10.14
CA ALA A 115 -19.64 -2.52 10.06
C ALA A 115 -18.42 -2.84 10.91
N GLN A 116 -17.47 -1.90 11.01
CA GLN A 116 -16.36 -2.09 11.93
C GLN A 116 -16.83 -2.13 13.38
N LEU A 117 -17.85 -1.33 13.72
CA LEU A 117 -18.33 -1.27 15.09
C LEU A 117 -19.00 -2.56 15.53
N LEU A 118 -19.65 -3.28 14.61
CA LEU A 118 -20.44 -4.44 14.97
C LEU A 118 -19.53 -5.64 15.26
N LYS A 119 -19.74 -6.27 16.41
CA LYS A 119 -18.98 -7.44 16.83
C LYS A 119 -19.94 -8.41 17.52
N ASP A 120 -20.21 -9.55 16.88
CA ASP A 120 -21.06 -10.60 17.44
C ASP A 120 -22.46 -10.10 17.77
N GLY A 121 -22.97 -9.16 16.98
CA GLY A 121 -24.31 -8.66 17.19
C GLY A 121 -24.47 -7.70 18.36
N LYS A 122 -23.40 -7.02 18.76
CA LYS A 122 -23.48 -6.03 19.82
C LYS A 122 -22.77 -4.75 19.38
N LEU A 123 -23.39 -3.61 19.67
CA LEU A 123 -22.90 -2.33 19.20
C LEU A 123 -22.64 -1.40 20.38
N PRO A 124 -21.49 -0.72 20.41
CA PRO A 124 -21.25 0.25 21.48
C PRO A 124 -22.05 1.52 21.27
N GLU A 125 -22.34 2.21 22.37
CA GLU A 125 -23.00 3.51 22.32
C GLU A 125 -21.93 4.56 22.00
N VAL A 126 -21.88 4.99 20.74
CA VAL A 126 -20.85 5.90 20.27
C VAL A 126 -21.47 7.04 19.47
N GLU A 127 -20.71 8.14 19.39
CA GLU A 127 -21.05 9.28 18.56
C GLU A 127 -19.81 9.70 17.80
N ILE A 128 -19.87 9.66 16.47
CA ILE A 128 -18.70 9.82 15.62
C ILE A 128 -18.98 10.89 14.59
N LYS A 129 -18.09 11.88 14.49
CA LYS A 129 -18.08 12.85 13.41
C LYS A 129 -16.77 12.70 12.68
N ASP A 130 -16.84 12.41 11.37
CA ASP A 130 -15.64 12.06 10.63
C ASP A 130 -15.61 12.79 9.29
N TYR A 131 -14.39 13.03 8.80
CA TYR A 131 -14.14 13.58 7.49
C TYR A 131 -12.69 13.31 7.13
N PRO A 132 -12.37 13.09 5.86
CA PRO A 132 -10.98 12.81 5.48
C PRO A 132 -10.11 14.05 5.62
N SER A 133 -8.86 13.82 6.04
CA SER A 133 -7.90 14.92 6.15
C SER A 133 -7.30 15.27 4.80
N VAL A 134 -7.01 14.26 3.97
CA VAL A 134 -6.52 14.46 2.61
C VAL A 134 -7.67 14.21 1.65
N ARG A 135 -7.81 15.10 0.65
CA ARG A 135 -8.96 15.06 -0.23
C ARG A 135 -8.99 13.78 -1.06
N TYR A 136 -7.87 13.45 -1.70
CA TYR A 136 -7.77 12.27 -2.55
C TYR A 136 -6.80 11.28 -1.93
N ARG A 137 -7.23 10.02 -1.80
CA ARG A 137 -6.42 9.00 -1.15
C ARG A 137 -6.50 7.71 -1.95
N GLY A 138 -5.36 7.06 -2.15
CA GLY A 138 -5.43 5.77 -2.81
C GLY A 138 -4.16 5.18 -3.39
N VAL A 139 -4.30 4.50 -4.52
CA VAL A 139 -3.23 3.69 -5.09
C VAL A 139 -3.14 3.97 -6.58
N VAL A 140 -1.92 3.94 -7.11
CA VAL A 140 -1.66 4.04 -8.54
C VAL A 140 -0.89 2.81 -8.99
N GLU A 141 -1.40 2.13 -10.01
CA GLU A 141 -0.78 0.91 -10.52
C GLU A 141 0.22 1.25 -11.64
N GLY A 142 1.21 2.06 -11.27
CA GLY A 142 2.22 2.51 -12.21
C GLY A 142 3.54 1.80 -12.12
N PHE A 143 3.62 0.67 -11.41
CA PHE A 143 4.88 -0.03 -11.22
C PHE A 143 5.28 -0.79 -12.48
N TYR A 144 6.59 -0.95 -12.66
CA TYR A 144 7.12 -1.83 -13.69
C TYR A 144 6.99 -3.28 -13.24
N GLY A 145 6.94 -4.18 -14.21
CA GLY A 145 6.81 -5.60 -13.93
C GLY A 145 5.44 -6.13 -14.30
N THR A 146 5.16 -7.32 -13.81
CA THR A 146 3.93 -8.03 -14.14
C THR A 146 2.72 -7.27 -13.62
N PRO A 147 1.80 -6.83 -14.49
CA PRO A 147 0.59 -6.17 -14.01
C PRO A 147 -0.33 -7.15 -13.30
N TRP A 148 -1.24 -6.58 -12.52
CA TRP A 148 -2.17 -7.39 -11.74
C TRP A 148 -3.19 -8.07 -12.66
N SER A 149 -3.76 -9.16 -12.15
CA SER A 149 -4.84 -9.83 -12.85
C SER A 149 -6.15 -9.08 -12.62
N HIS A 150 -7.18 -9.48 -13.37
CA HIS A 150 -8.48 -8.83 -13.26
C HIS A 150 -9.11 -9.09 -11.89
N GLN A 151 -9.07 -10.35 -11.44
CA GLN A 151 -9.65 -10.70 -10.14
C GLN A 151 -8.89 -10.01 -9.02
N ALA A 152 -7.56 -9.93 -9.14
CA ALA A 152 -6.77 -9.19 -8.15
C ALA A 152 -7.20 -7.74 -8.11
N ARG A 153 -7.46 -7.13 -9.26
CA ARG A 153 -7.90 -5.74 -9.28
C ARG A 153 -9.27 -5.57 -8.66
N LEU A 154 -10.18 -6.54 -8.87
CA LEU A 154 -11.48 -6.48 -8.22
C LEU A 154 -11.37 -6.55 -6.70
N SER A 155 -10.55 -7.49 -6.21
CA SER A 155 -10.32 -7.59 -4.77
C SER A 155 -9.68 -6.32 -4.22
N GLN A 156 -8.77 -5.72 -4.99
CA GLN A 156 -8.15 -4.47 -4.56
C GLN A 156 -9.18 -3.34 -4.48
N LEU A 157 -10.10 -3.27 -5.45
CA LEU A 157 -11.14 -2.25 -5.40
C LEU A 157 -12.03 -2.42 -4.18
N LYS A 158 -12.42 -3.66 -3.89
CA LYS A 158 -13.26 -3.88 -2.71
C LYS A 158 -12.51 -3.56 -1.43
N PHE A 159 -11.21 -3.86 -1.39
CA PHE A 159 -10.40 -3.51 -0.23
C PHE A 159 -10.31 -2.00 -0.06
N TYR A 160 -10.07 -1.27 -1.16
CA TYR A 160 -10.03 0.18 -1.11
C TYR A 160 -11.34 0.75 -0.59
N GLY A 161 -12.46 0.22 -1.09
CA GLY A 161 -13.76 0.68 -0.61
C GLY A 161 -13.96 0.41 0.86
N LYS A 162 -13.48 -0.74 1.35
CA LYS A 162 -13.61 -1.03 2.77
C LYS A 162 -12.70 -0.15 3.62
N ASN A 163 -11.59 0.31 3.08
CA ASN A 163 -10.62 1.09 3.85
C ASN A 163 -10.71 2.59 3.56
N LYS A 164 -11.84 3.07 3.04
CA LYS A 164 -12.10 4.50 2.85
C LYS A 164 -11.08 5.16 1.91
N MET A 165 -10.61 4.43 0.90
CA MET A 165 -9.82 5.00 -0.17
C MET A 165 -10.73 5.29 -1.37
N ASN A 166 -10.42 6.36 -2.10
CA ASN A 166 -11.29 6.82 -3.16
C ASN A 166 -10.64 6.91 -4.54
N THR A 167 -9.32 6.79 -4.64
CA THR A 167 -8.61 7.02 -5.89
C THR A 167 -7.81 5.79 -6.28
N TYR A 168 -8.16 5.19 -7.42
CA TYR A 168 -7.35 4.13 -8.02
C TYR A 168 -6.97 4.59 -9.42
N ILE A 169 -5.67 4.84 -9.62
CA ILE A 169 -5.16 5.29 -10.92
C ILE A 169 -4.77 4.06 -11.71
N TYR A 170 -5.56 3.73 -12.73
CA TYR A 170 -5.23 2.62 -13.63
C TYR A 170 -4.26 3.14 -14.67
N GLY A 171 -2.97 2.83 -14.48
CA GLY A 171 -1.92 3.27 -15.37
C GLY A 171 -0.85 2.24 -15.70
N PRO A 172 -1.21 0.96 -15.83
CA PRO A 172 -0.17 -0.09 -15.90
C PRO A 172 0.79 0.14 -17.06
N LYS A 173 2.09 0.01 -16.75
CA LYS A 173 3.13 0.32 -17.73
C LYS A 173 3.12 -0.63 -18.92
N ASP A 174 2.57 -1.83 -18.75
CA ASP A 174 2.57 -2.86 -19.78
C ASP A 174 1.20 -3.01 -20.44
N ASP A 175 0.51 -1.89 -20.63
CA ASP A 175 -0.76 -1.88 -21.35
C ASP A 175 -0.62 -0.96 -22.56
N PRO A 176 -0.72 -1.49 -23.79
CA PRO A 176 -0.47 -0.65 -24.97
C PRO A 176 -1.50 0.42 -25.23
N TYR A 177 -2.73 0.25 -24.74
CA TYR A 177 -3.85 1.11 -25.11
C TYR A 177 -3.94 2.39 -24.29
N HIS A 178 -3.09 2.57 -23.28
CA HIS A 178 -3.05 3.82 -22.54
C HIS A 178 -1.71 4.52 -22.69
N SER A 179 -0.73 3.90 -23.35
CA SER A 179 0.58 4.49 -23.57
C SER A 179 0.87 4.51 -25.07
N ALA A 180 2.10 4.87 -25.41
CA ALA A 180 2.49 4.93 -26.81
C ALA A 180 2.66 3.52 -27.36
N PRO A 181 2.31 3.29 -28.64
CA PRO A 181 1.67 4.29 -29.50
C PRO A 181 0.19 4.00 -29.75
N ASN A 182 -0.35 3.01 -29.03
CA ASN A 182 -1.68 2.50 -29.28
C ASN A 182 -2.76 3.22 -28.48
N TRP A 183 -2.44 4.31 -27.79
CA TRP A 183 -3.45 5.04 -27.04
C TRP A 183 -4.52 5.63 -27.94
N ARG A 184 -4.17 5.90 -29.21
CA ARG A 184 -5.15 6.38 -30.18
C ARG A 184 -6.17 5.30 -30.54
N LEU A 185 -5.82 4.03 -30.35
CA LEU A 185 -6.68 2.92 -30.71
C LEU A 185 -7.76 2.71 -29.65
N PRO A 186 -8.94 2.26 -30.06
CA PRO A 186 -9.93 1.83 -29.07
C PRO A 186 -9.59 0.46 -28.52
N TYR A 187 -10.08 0.20 -27.31
CA TYR A 187 -9.86 -1.09 -26.68
C TYR A 187 -10.60 -2.19 -27.43
N PRO A 188 -10.04 -3.40 -27.48
CA PRO A 188 -10.80 -4.54 -27.97
C PRO A 188 -12.01 -4.80 -27.09
N ASP A 189 -13.02 -5.43 -27.68
CA ASP A 189 -14.30 -5.59 -26.99
C ASP A 189 -14.15 -6.34 -25.67
N LYS A 190 -13.25 -7.33 -25.63
CA LYS A 190 -13.08 -8.12 -24.41
C LYS A 190 -12.39 -7.31 -23.31
N GLU A 191 -11.27 -6.66 -23.65
CA GLU A 191 -10.60 -5.79 -22.68
C GLU A 191 -11.48 -4.60 -22.31
N ALA A 192 -12.31 -4.13 -23.26
CA ALA A 192 -13.24 -3.05 -22.95
C ALA A 192 -14.28 -3.51 -21.93
N ALA A 193 -14.80 -4.73 -22.08
CA ALA A 193 -15.72 -5.25 -21.09
C ALA A 193 -15.03 -5.46 -19.73
N GLN A 194 -13.76 -5.84 -19.75
CA GLN A 194 -13.01 -5.96 -18.50
C GLN A 194 -12.93 -4.61 -17.79
N LEU A 195 -12.55 -3.56 -18.52
CA LEU A 195 -12.50 -2.23 -17.93
C LEU A 195 -13.87 -1.75 -17.50
N GLN A 196 -14.91 -2.15 -18.23
CA GLN A 196 -16.28 -1.78 -17.83
C GLN A 196 -16.66 -2.42 -16.50
N GLU A 197 -16.32 -3.69 -16.31
CA GLU A 197 -16.59 -4.32 -15.02
C GLU A 197 -15.74 -3.72 -13.91
N LEU A 198 -14.51 -3.33 -14.23
CA LEU A 198 -13.68 -2.62 -13.25
C LEU A 198 -14.37 -1.34 -12.79
N VAL A 199 -14.81 -0.51 -13.74
CA VAL A 199 -15.51 0.72 -13.40
C VAL A 199 -16.80 0.43 -12.64
N ALA A 200 -17.47 -0.67 -12.99
CA ALA A 200 -18.72 -1.03 -12.30
C ALA A 200 -18.45 -1.33 -10.83
N VAL A 201 -17.45 -2.16 -10.55
CA VAL A 201 -17.13 -2.49 -9.16
C VAL A 201 -16.65 -1.25 -8.42
N ALA A 202 -15.88 -0.39 -9.10
CA ALA A 202 -15.40 0.83 -8.48
C ALA A 202 -16.55 1.73 -8.06
N ASN A 203 -17.54 1.92 -8.95
CA ASN A 203 -18.71 2.70 -8.61
C ASN A 203 -19.55 2.01 -7.53
N GLU A 204 -19.53 0.67 -7.51
CA GLU A 204 -20.23 -0.05 -6.45
C GLU A 204 -19.60 0.18 -5.08
N ASN A 205 -18.29 0.43 -5.05
CA ASN A 205 -17.59 0.65 -3.78
C ASN A 205 -17.08 2.07 -3.63
N GLU A 206 -17.57 3.01 -4.45
CA GLU A 206 -17.26 4.44 -4.33
C GLU A 206 -15.76 4.70 -4.39
N VAL A 207 -15.16 4.30 -5.52
CA VAL A 207 -13.74 4.51 -5.78
C VAL A 207 -13.61 5.16 -7.15
N ASP A 208 -12.85 6.25 -7.23
CA ASP A 208 -12.64 6.96 -8.49
C ASP A 208 -11.65 6.17 -9.34
N PHE A 209 -12.15 5.62 -10.47
CA PHE A 209 -11.31 4.96 -11.46
C PHE A 209 -10.68 6.04 -12.33
N VAL A 210 -9.44 6.41 -12.00
CA VAL A 210 -8.71 7.42 -12.75
C VAL A 210 -7.97 6.69 -13.87
N TRP A 211 -8.53 6.76 -15.08
CA TRP A 211 -7.86 6.19 -16.24
C TRP A 211 -6.68 7.06 -16.63
N ALA A 212 -5.48 6.49 -16.69
CA ALA A 212 -4.32 7.27 -17.09
C ALA A 212 -4.05 7.11 -18.58
N ILE A 213 -3.36 8.10 -19.14
CA ILE A 213 -2.90 8.01 -20.52
C ILE A 213 -1.57 8.75 -20.62
N HIS A 214 -0.64 8.16 -21.37
CA HIS A 214 0.71 8.69 -21.51
C HIS A 214 1.03 8.69 -23.00
N PRO A 215 0.68 9.78 -23.71
CA PRO A 215 0.79 9.77 -25.18
C PRO A 215 2.15 10.18 -25.70
N GLY A 216 3.17 10.16 -24.85
CA GLY A 216 4.48 10.65 -25.23
C GLY A 216 5.27 9.65 -26.07
N GLN A 217 6.53 10.00 -26.27
CA GLN A 217 7.40 9.24 -27.15
C GLN A 217 8.05 10.15 -28.18
N ASP A 218 8.10 11.44 -27.87
CA ASP A 218 8.58 12.42 -28.82
C ASP A 218 7.47 12.99 -29.66
N ILE A 219 6.32 13.22 -29.01
CA ILE A 219 5.12 13.64 -29.74
C ILE A 219 5.18 15.15 -29.95
N LYS A 220 5.77 15.56 -31.07
CA LYS A 220 5.69 16.94 -31.49
C LYS A 220 4.23 17.30 -31.74
N TRP A 221 3.77 18.38 -31.13
CA TRP A 221 2.35 18.64 -31.06
C TRP A 221 1.79 19.03 -32.42
N ASN A 222 0.49 18.83 -32.59
CA ASN A 222 -0.19 18.99 -33.87
C ASN A 222 -1.70 19.03 -33.60
N LYS A 223 -2.49 18.96 -34.67
CA LYS A 223 -3.94 19.00 -34.54
C LYS A 223 -4.57 17.61 -34.53
N GLU A 224 -3.94 16.63 -35.18
CA GLU A 224 -4.48 15.27 -35.20
C GLU A 224 -4.47 14.66 -33.81
N ASP A 225 -3.28 14.60 -33.19
CA ASP A 225 -3.12 13.84 -31.96
C ASP A 225 -4.00 14.37 -30.83
N ARG A 226 -4.21 15.68 -30.76
CA ARG A 226 -5.08 16.23 -29.72
C ARG A 226 -6.53 15.79 -29.91
N ASP A 227 -7.02 15.84 -31.15
CA ASP A 227 -8.38 15.37 -31.41
C ASP A 227 -8.51 13.87 -31.18
N LEU A 228 -7.45 13.11 -31.46
CA LEU A 228 -7.47 11.68 -31.13
C LEU A 228 -7.50 11.45 -29.62
N LEU A 229 -6.78 12.30 -28.87
CA LEU A 229 -6.89 12.26 -27.42
C LEU A 229 -8.33 12.50 -26.96
N LEU A 230 -8.98 13.52 -27.53
CA LEU A 230 -10.36 13.79 -27.16
C LEU A 230 -11.28 12.64 -27.55
N ALA A 231 -11.02 12.00 -28.69
CA ALA A 231 -11.82 10.86 -29.11
C ALA A 231 -11.66 9.68 -28.15
N LYS A 232 -10.42 9.39 -27.76
CA LYS A 232 -10.18 8.32 -26.79
C LYS A 232 -10.83 8.64 -25.46
N PHE A 233 -10.81 9.92 -25.06
CA PHE A 233 -11.44 10.31 -23.81
C PHE A 233 -12.95 10.12 -23.89
N GLU A 234 -13.57 10.48 -25.01
CA GLU A 234 -15.00 10.25 -25.18
C GLU A 234 -15.33 8.76 -25.19
N LYS A 235 -14.44 7.95 -25.78
CA LYS A 235 -14.65 6.51 -25.75
C LYS A 235 -14.63 5.97 -24.34
N MET A 236 -13.59 6.32 -23.57
CA MET A 236 -13.51 5.88 -22.18
C MET A 236 -14.69 6.39 -21.36
N TYR A 237 -15.18 7.59 -21.67
CA TYR A 237 -16.40 8.08 -21.02
C TYR A 237 -17.60 7.22 -21.36
N GLN A 238 -17.70 6.80 -22.63
CA GLN A 238 -18.74 5.85 -23.02
C GLN A 238 -18.62 4.55 -22.25
N LEU A 239 -17.38 4.16 -21.89
CA LEU A 239 -17.19 2.99 -21.06
C LEU A 239 -17.54 3.22 -19.59
N GLY A 240 -17.78 4.46 -19.18
CA GLY A 240 -18.18 4.77 -17.82
C GLY A 240 -17.13 5.45 -16.98
N VAL A 241 -15.91 5.65 -17.52
CA VAL A 241 -14.87 6.33 -16.76
C VAL A 241 -15.26 7.77 -16.54
N ARG A 242 -15.08 8.24 -15.30
CA ARG A 242 -15.41 9.60 -14.93
C ARG A 242 -14.23 10.36 -14.33
N SER A 243 -13.04 9.75 -14.27
CA SER A 243 -11.86 10.39 -13.75
C SER A 243 -10.68 10.05 -14.65
N PHE A 244 -9.90 11.06 -15.02
CA PHE A 244 -8.85 10.89 -16.02
C PHE A 244 -7.55 11.53 -15.54
N ALA A 245 -6.45 11.05 -16.11
CA ALA A 245 -5.14 11.59 -15.80
C ALA A 245 -4.23 11.49 -17.01
N VAL A 246 -3.40 12.50 -17.20
CA VAL A 246 -2.40 12.53 -18.26
C VAL A 246 -1.02 12.46 -17.61
N PHE A 247 -0.19 11.55 -18.09
CA PHE A 247 1.13 11.31 -17.53
C PHE A 247 2.20 11.77 -18.51
N PHE A 248 3.16 12.54 -17.99
CA PHE A 248 4.37 12.90 -18.72
C PHE A 248 5.59 12.37 -17.97
N ASP A 249 5.43 11.24 -17.29
CA ASP A 249 6.44 10.73 -16.37
C ASP A 249 7.73 10.39 -17.09
N ASN A 250 8.73 11.26 -16.94
CA ASN A 250 9.97 11.16 -17.71
C ASN A 250 9.70 10.84 -19.16
N ILE A 251 8.70 11.49 -19.75
CA ILE A 251 8.54 11.34 -21.19
C ILE A 251 9.76 11.90 -21.88
N SER A 252 10.44 11.05 -22.64
CA SER A 252 11.55 11.46 -23.48
C SER A 252 11.09 12.42 -24.58
N GLY A 253 9.82 12.69 -24.72
CA GLY A 253 9.40 13.64 -25.74
C GLY A 253 10.13 14.96 -25.71
N GLU A 254 10.36 15.54 -26.89
CA GLU A 254 10.72 16.96 -26.93
C GLU A 254 9.58 17.85 -26.45
N GLY A 255 8.42 17.26 -26.17
CA GLY A 255 7.31 17.93 -25.53
C GLY A 255 7.47 18.05 -24.03
N THR A 256 8.71 17.95 -23.53
CA THR A 256 8.97 18.38 -22.15
C THR A 256 8.82 19.89 -21.98
N ASN A 257 8.45 20.58 -23.04
CA ASN A 257 8.12 22.00 -22.98
C ASN A 257 7.00 22.21 -21.96
N PRO A 258 7.18 23.11 -21.00
CA PRO A 258 6.16 23.30 -19.96
C PRO A 258 4.85 23.85 -20.47
N GLN A 259 4.90 24.92 -21.27
CA GLN A 259 3.68 25.57 -21.72
C GLN A 259 2.89 24.71 -22.67
N LYS A 260 3.56 23.84 -23.45
CA LYS A 260 2.85 22.92 -24.32
C LYS A 260 1.94 22.00 -23.51
N GLN A 261 2.51 21.38 -22.47
CA GLN A 261 1.72 20.51 -21.59
C GLN A 261 0.63 21.30 -20.88
N ALA A 262 0.95 22.51 -20.42
CA ALA A 262 -0.03 23.34 -19.74
C ALA A 262 -1.21 23.65 -20.65
N GLU A 263 -0.94 24.03 -21.90
CA GLU A 263 -2.00 24.37 -22.83
C GLU A 263 -2.81 23.13 -23.22
N LEU A 264 -2.15 21.98 -23.34
CA LEU A 264 -2.88 20.76 -23.67
C LEU A 264 -3.85 20.37 -22.55
N LEU A 265 -3.38 20.43 -21.31
CA LEU A 265 -4.25 20.10 -20.18
C LEU A 265 -5.37 21.14 -20.05
N ASN A 266 -5.05 22.42 -20.23
CA ASN A 266 -6.08 23.45 -20.19
C ASN A 266 -7.12 23.24 -21.28
N TYR A 267 -6.68 22.79 -22.46
CA TYR A 267 -7.60 22.54 -23.56
C TYR A 267 -8.52 21.38 -23.23
N ILE A 268 -7.96 20.26 -22.76
CA ILE A 268 -8.81 19.11 -22.48
C ILE A 268 -9.74 19.39 -21.31
N ASP A 269 -9.34 20.29 -20.41
CA ASP A 269 -10.25 20.72 -19.35
C ASP A 269 -11.36 21.62 -19.90
N GLU A 270 -11.01 22.53 -20.80
CA GLU A 270 -11.97 23.48 -21.36
C GLU A 270 -12.99 22.77 -22.24
N LYS A 271 -12.61 21.68 -22.89
CA LYS A 271 -13.47 21.02 -23.86
C LYS A 271 -14.18 19.79 -23.30
N PHE A 272 -13.45 18.91 -22.61
CA PHE A 272 -14.04 17.65 -22.16
C PHE A 272 -14.58 17.70 -20.74
N ALA A 273 -13.94 18.48 -19.85
CA ALA A 273 -14.38 18.49 -18.46
C ALA A 273 -15.61 19.37 -18.26
N GLN A 274 -15.63 20.55 -18.85
CA GLN A 274 -16.76 21.46 -18.66
C GLN A 274 -18.01 20.95 -19.37
N VAL A 275 -17.86 20.24 -20.47
CA VAL A 275 -19.03 19.77 -21.21
C VAL A 275 -19.66 18.56 -20.51
N LYS A 276 -18.83 17.63 -20.04
CA LYS A 276 -19.35 16.42 -19.44
C LYS A 276 -19.82 16.69 -18.00
N PRO A 277 -20.92 16.07 -17.57
CA PRO A 277 -21.56 16.55 -16.34
C PRO A 277 -20.81 16.16 -15.07
N ASP A 278 -20.37 14.91 -14.94
CA ASP A 278 -19.90 14.37 -13.67
C ASP A 278 -18.46 13.85 -13.76
N ILE A 279 -17.57 14.70 -14.26
CA ILE A 279 -16.13 14.44 -14.27
C ILE A 279 -15.58 14.76 -12.88
N ASN A 280 -14.90 13.78 -12.27
CA ASN A 280 -14.48 13.94 -10.87
C ASN A 280 -13.05 14.46 -10.73
N GLN A 281 -12.08 13.72 -11.27
CA GLN A 281 -10.67 14.04 -11.10
C GLN A 281 -10.00 14.28 -12.44
N LEU A 282 -9.10 15.25 -12.47
CA LEU A 282 -8.27 15.53 -13.64
C LEU A 282 -6.86 15.78 -13.15
N VAL A 283 -5.97 14.82 -13.40
CA VAL A 283 -4.63 14.84 -12.83
C VAL A 283 -3.61 14.88 -13.98
N MET A 284 -2.46 15.49 -13.69
CA MET A 284 -1.35 15.48 -14.63
C MET A 284 -0.06 15.25 -13.86
N CYS A 285 0.88 14.55 -14.50
CA CYS A 285 2.18 14.28 -13.90
C CYS A 285 3.26 15.01 -14.68
N PRO A 286 3.95 15.97 -14.08
CA PRO A 286 4.98 16.70 -14.82
C PRO A 286 6.18 15.83 -15.12
N THR A 287 7.00 16.30 -16.06
CA THR A 287 8.24 15.59 -16.40
C THR A 287 9.17 15.50 -15.20
N GLU A 288 9.17 16.51 -14.34
CA GLU A 288 9.98 16.52 -13.12
C GLU A 288 9.04 16.28 -11.94
N TYR A 289 9.01 15.02 -11.46
CA TYR A 289 8.16 14.65 -10.34
C TYR A 289 8.94 14.49 -9.03
N ASN A 290 10.20 14.93 -8.99
CA ASN A 290 10.98 14.86 -7.77
C ASN A 290 11.95 16.04 -7.73
N LYS A 291 12.34 16.40 -6.50
CA LYS A 291 13.16 17.60 -6.29
C LYS A 291 14.54 17.46 -6.90
N SER A 292 15.09 16.25 -6.95
CA SER A 292 16.44 16.06 -7.46
C SER A 292 16.55 16.24 -8.97
N TRP A 293 15.44 16.13 -9.69
CA TRP A 293 15.44 16.28 -11.15
C TRP A 293 15.00 17.69 -11.57
N SER A 294 15.80 18.68 -11.19
CA SER A 294 15.51 20.06 -11.55
C SER A 294 16.78 20.90 -11.60
N ASN A 299 12.09 26.46 -12.90
CA ASN A 299 11.62 27.18 -14.09
C ASN A 299 10.48 26.43 -14.77
N TYR A 300 10.50 25.10 -14.65
CA TYR A 300 9.50 24.26 -15.29
C TYR A 300 8.24 24.17 -14.43
N LEU A 301 8.40 23.78 -13.16
CA LEU A 301 7.25 23.67 -12.26
C LEU A 301 6.60 25.01 -12.01
N THR A 302 7.36 26.09 -12.03
CA THR A 302 6.79 27.42 -11.83
C THR A 302 5.82 27.76 -12.96
N THR A 303 6.25 27.57 -14.21
CA THR A 303 5.37 27.81 -15.35
C THR A 303 4.17 26.87 -15.33
N LEU A 304 4.40 25.59 -14.98
CA LEU A 304 3.29 24.65 -14.85
C LEU A 304 2.25 25.15 -13.87
N GLY A 305 2.67 25.53 -12.66
CA GLY A 305 1.74 25.97 -11.65
C GLY A 305 1.10 27.31 -11.93
N ASP A 306 1.75 28.17 -12.71
CA ASP A 306 1.16 29.46 -13.02
C ASP A 306 0.16 29.38 -14.17
N LYS A 307 0.42 28.54 -15.17
CA LYS A 307 -0.38 28.53 -16.39
C LYS A 307 -1.34 27.36 -16.47
N LEU A 308 -1.50 26.57 -15.41
CA LEU A 308 -2.45 25.47 -15.40
C LEU A 308 -3.74 25.88 -14.70
N ASN A 309 -4.82 25.20 -15.06
CA ASN A 309 -6.11 25.48 -14.46
C ASN A 309 -6.10 25.10 -12.98
N PRO A 310 -6.87 25.82 -12.15
CA PRO A 310 -6.81 25.56 -10.70
C PRO A 310 -7.36 24.18 -10.32
N SER A 311 -8.33 23.66 -11.05
CA SER A 311 -8.98 22.40 -10.68
C SER A 311 -8.15 21.17 -11.00
N ILE A 312 -7.10 21.30 -11.79
CA ILE A 312 -6.29 20.17 -12.22
C ILE A 312 -5.16 19.94 -11.21
N GLN A 313 -4.91 18.68 -10.90
CA GLN A 313 -3.88 18.31 -9.94
C GLN A 313 -2.55 18.07 -10.63
N ILE A 314 -1.48 18.05 -9.82
CA ILE A 314 -0.12 17.86 -10.31
C ILE A 314 0.57 16.85 -9.40
N MET A 315 1.09 15.77 -10.00
CA MET A 315 1.66 14.68 -9.23
C MET A 315 3.07 15.01 -8.75
N TRP A 316 3.50 14.28 -7.72
CA TRP A 316 4.78 14.50 -7.06
C TRP A 316 5.12 13.28 -6.23
N THR A 317 6.41 13.00 -6.10
CA THR A 317 6.87 11.81 -5.38
C THR A 317 7.74 12.10 -4.17
N GLY A 318 8.08 13.36 -3.92
CA GLY A 318 8.89 13.72 -2.77
C GLY A 318 10.20 14.34 -3.20
N ASP A 319 11.10 14.49 -2.22
CA ASP A 319 12.39 15.12 -2.46
C ASP A 319 13.28 14.29 -3.39
N ARG A 320 13.03 12.99 -3.50
CA ARG A 320 13.76 12.13 -4.42
C ARG A 320 12.77 11.25 -5.18
N VAL A 321 13.31 10.41 -6.07
CA VAL A 321 12.47 9.51 -6.84
C VAL A 321 11.71 8.58 -5.91
N ILE A 322 12.37 8.10 -4.86
CA ILE A 322 11.74 7.27 -3.84
C ILE A 322 12.14 7.82 -2.48
N SER A 323 11.30 8.64 -1.88
CA SER A 323 11.64 9.33 -0.64
C SER A 323 10.39 9.61 0.15
N ASP A 324 10.58 9.99 1.41
CA ASP A 324 9.48 10.33 2.29
C ASP A 324 9.06 11.78 2.08
N ILE A 325 7.95 12.15 2.71
CA ILE A 325 7.37 13.48 2.58
C ILE A 325 7.59 14.22 3.90
N THR A 326 8.44 15.24 3.87
CA THR A 326 8.71 16.09 5.02
C THR A 326 8.09 17.47 4.79
N ARG A 327 7.98 18.23 5.87
CA ARG A 327 7.41 19.57 5.76
C ARG A 327 8.26 20.47 4.87
N ASP A 328 9.59 20.39 5.02
CA ASP A 328 10.47 21.10 4.12
C ASP A 328 10.49 20.50 2.73
N GLY A 329 10.06 19.24 2.59
CA GLY A 329 9.95 18.61 1.29
C GLY A 329 8.67 18.90 0.54
N ILE A 330 7.67 19.48 1.22
CA ILE A 330 6.40 19.81 0.60
C ILE A 330 6.21 21.32 0.48
N SER A 331 6.69 22.08 1.47
CA SER A 331 6.64 23.54 1.35
C SER A 331 7.56 24.04 0.25
N TRP A 332 8.62 23.29 -0.06
CA TRP A 332 9.53 23.70 -1.12
C TRP A 332 8.86 23.63 -2.50
N ILE A 333 7.96 22.67 -2.70
CA ILE A 333 7.28 22.57 -3.99
C ILE A 333 6.00 23.40 -4.02
N ASN A 334 5.22 23.41 -2.93
CA ASN A 334 3.93 24.10 -2.96
C ASN A 334 4.08 25.58 -3.28
N GLU A 335 5.28 26.14 -3.14
CA GLU A 335 5.53 27.50 -3.60
C GLU A 335 5.48 27.58 -5.13
N ARG A 336 6.00 26.56 -5.82
CA ARG A 336 6.19 26.64 -7.26
C ARG A 336 4.90 26.38 -8.02
N ILE A 337 4.18 25.30 -7.67
CA ILE A 337 2.98 24.94 -8.41
C ILE A 337 1.76 25.74 -8.00
N LYS A 338 1.86 26.55 -6.95
CA LYS A 338 0.79 27.47 -6.53
C LYS A 338 -0.51 26.74 -6.22
N ARG A 339 -0.42 25.50 -5.73
CA ARG A 339 -1.59 24.70 -5.41
C ARG A 339 -1.13 23.53 -4.54
N PRO A 340 -2.05 22.94 -3.78
CA PRO A 340 -1.67 21.77 -2.97
C PRO A 340 -1.24 20.60 -3.85
N ALA A 341 -0.18 19.92 -3.41
CA ALA A 341 0.43 18.88 -4.23
C ALA A 341 -0.42 17.61 -4.23
N TYR A 342 -0.16 16.76 -5.23
CA TYR A 342 -0.78 15.45 -5.36
C TYR A 342 0.35 14.43 -5.21
N ILE A 343 0.58 14.00 -3.97
CA ILE A 343 1.76 13.19 -3.66
C ILE A 343 1.57 11.78 -4.21
N TRP A 344 2.67 11.21 -4.71
CA TRP A 344 2.73 9.83 -5.23
C TRP A 344 3.89 9.14 -4.53
N TRP A 345 3.59 8.44 -3.44
CA TRP A 345 4.60 7.75 -2.67
C TRP A 345 4.99 6.43 -3.34
N ASN A 346 6.30 6.17 -3.38
CA ASN A 346 6.82 4.94 -4.00
C ASN A 346 7.15 3.91 -2.92
N PHE A 347 6.09 3.38 -2.30
CA PHE A 347 6.19 2.32 -1.32
C PHE A 347 4.88 1.56 -1.29
N PRO A 348 4.91 0.22 -1.23
CA PRO A 348 6.12 -0.60 -1.13
C PRO A 348 6.59 -1.11 -2.48
N VAL A 349 6.50 -0.29 -3.53
CA VAL A 349 6.85 -0.75 -4.87
C VAL A 349 8.28 -1.28 -4.88
N SER A 350 8.46 -2.45 -5.49
CA SER A 350 9.75 -3.13 -5.53
C SER A 350 10.10 -3.53 -6.95
N ASP A 351 9.82 -2.65 -7.92
CA ASP A 351 10.25 -2.91 -9.28
C ASP A 351 11.74 -2.69 -9.48
N TYR A 352 12.41 -2.06 -8.52
CA TYR A 352 13.85 -1.89 -8.55
C TYR A 352 14.60 -2.85 -7.63
N VAL A 353 13.93 -3.39 -6.61
CA VAL A 353 14.44 -4.52 -5.85
C VAL A 353 13.28 -5.51 -5.66
N ARG A 354 13.13 -6.43 -6.61
CA ARG A 354 12.04 -7.40 -6.55
C ARG A 354 12.47 -8.74 -5.98
N ASP A 355 13.76 -8.93 -5.73
CA ASP A 355 14.21 -10.12 -4.99
C ASP A 355 13.90 -10.02 -3.51
N HIS A 356 13.59 -8.82 -3.02
CA HIS A 356 13.21 -8.60 -1.63
C HIS A 356 11.71 -8.41 -1.52
N LEU A 357 11.20 -8.64 -0.31
CA LEU A 357 9.83 -8.31 0.05
C LEU A 357 9.84 -7.10 0.96
N LEU A 358 8.89 -6.19 0.73
CA LEU A 358 8.78 -4.97 1.52
C LEU A 358 7.48 -5.05 2.31
N LEU A 359 7.54 -5.71 3.46
CA LEU A 359 6.42 -5.88 4.35
C LEU A 359 6.58 -5.08 5.64
N GLY A 360 7.52 -4.13 5.64
CA GLY A 360 7.74 -3.30 6.79
C GLY A 360 6.65 -2.27 6.98
N PRO A 361 6.67 -1.58 8.12
CA PRO A 361 5.63 -0.58 8.39
C PRO A 361 5.84 0.67 7.55
N VAL A 362 4.75 1.42 7.41
CA VAL A 362 4.77 2.71 6.71
C VAL A 362 5.09 3.79 7.71
N TYR A 363 6.17 4.54 7.46
CA TYR A 363 6.59 5.60 8.36
C TYR A 363 7.51 6.54 7.60
N GLY A 364 7.88 7.64 8.25
CA GLY A 364 8.76 8.63 7.71
C GLY A 364 8.07 9.91 7.26
N ASN A 365 6.84 9.80 6.77
CA ASN A 365 6.09 10.99 6.37
C ASN A 365 5.63 11.75 7.61
N ASP A 366 5.68 13.07 7.54
CA ASP A 366 5.27 13.91 8.66
C ASP A 366 3.77 13.78 8.91
N THR A 367 3.39 13.87 10.17
CA THR A 367 2.02 13.62 10.59
C THR A 367 1.14 14.87 10.61
N THR A 368 1.66 16.02 10.19
CA THR A 368 0.92 17.27 10.27
C THR A 368 1.06 18.08 8.98
N ILE A 369 0.90 17.43 7.84
CA ILE A 369 0.98 18.13 6.55
C ILE A 369 -0.25 17.84 5.70
N ALA A 370 -1.39 17.56 6.34
CA ALA A 370 -2.59 17.20 5.60
C ALA A 370 -3.07 18.35 4.72
N LYS A 371 -2.92 19.58 5.18
CA LYS A 371 -3.37 20.74 4.41
C LYS A 371 -2.44 21.05 3.24
N GLU A 372 -1.25 20.48 3.22
CA GLU A 372 -0.25 20.81 2.22
C GLU A 372 -0.30 19.90 0.99
N MET A 373 -1.30 19.03 0.89
CA MET A 373 -1.38 18.12 -0.25
C MET A 373 -2.85 17.87 -0.60
N SER A 374 -3.12 17.78 -1.90
CA SER A 374 -4.47 17.44 -2.36
C SER A 374 -4.70 15.94 -2.32
N GLY A 375 -3.70 15.15 -2.72
CA GLY A 375 -3.88 13.72 -2.82
C GLY A 375 -2.62 12.97 -2.41
N PHE A 376 -2.83 11.73 -1.98
CA PHE A 376 -1.76 10.83 -1.59
C PHE A 376 -2.07 9.46 -2.16
N VAL A 377 -1.26 9.01 -3.13
CA VAL A 377 -1.42 7.71 -3.75
C VAL A 377 -0.12 6.93 -3.58
N THR A 378 -0.24 5.64 -3.36
CA THR A 378 0.92 4.77 -3.18
C THR A 378 1.15 3.92 -4.42
N ASN A 379 2.43 3.64 -4.68
CA ASN A 379 2.82 2.74 -5.75
C ASN A 379 3.16 1.39 -5.14
N PRO A 380 2.37 0.35 -5.39
CA PRO A 380 2.56 -0.92 -4.67
C PRO A 380 3.48 -1.91 -5.36
N MET A 381 3.71 -3.05 -4.69
CA MET A 381 4.45 -4.15 -5.28
C MET A 381 3.67 -4.78 -6.43
N GLU A 382 4.34 -5.67 -7.18
CA GLU A 382 3.64 -6.49 -8.15
C GLU A 382 2.79 -7.56 -7.47
N HIS A 383 2.98 -7.78 -6.18
CA HIS A 383 2.13 -8.64 -5.37
C HIS A 383 1.08 -7.78 -4.68
N ALA A 384 -0.19 -7.99 -4.99
CA ALA A 384 -1.25 -7.15 -4.47
C ALA A 384 -1.53 -7.44 -2.99
N GLU A 385 -1.73 -8.72 -2.65
CA GLU A 385 -2.00 -9.08 -1.26
C GLU A 385 -0.84 -8.72 -0.35
N SER A 386 0.39 -8.83 -0.86
CA SER A 386 1.55 -8.39 -0.08
C SER A 386 1.58 -6.88 0.07
N SER A 387 1.13 -6.15 -0.96
CA SER A 387 1.07 -4.69 -0.88
C SER A 387 -0.05 -4.23 0.03
N LYS A 388 -1.02 -5.08 0.34
CA LYS A 388 -2.16 -4.68 1.15
C LYS A 388 -1.74 -4.15 2.52
N ILE A 389 -0.59 -4.61 3.05
CA ILE A 389 -0.11 -4.09 4.33
C ILE A 389 0.10 -2.57 4.25
N ALA A 390 0.99 -2.16 3.33
CA ALA A 390 1.27 -0.74 3.19
C ALA A 390 0.06 0.03 2.66
N ILE A 391 -0.79 -0.63 1.88
CA ILE A 391 -1.99 0.06 1.39
C ILE A 391 -2.93 0.37 2.55
N TYR A 392 -3.10 -0.59 3.48
CA TYR A 392 -3.88 -0.36 4.69
C TYR A 392 -3.26 0.76 5.53
N SER A 393 -1.94 0.73 5.68
CA SER A 393 -1.27 1.77 6.47
C SER A 393 -1.47 3.15 5.86
N VAL A 394 -1.36 3.26 4.53
CA VAL A 394 -1.54 4.55 3.86
C VAL A 394 -2.99 5.00 3.95
N ALA A 395 -3.94 4.06 3.79
CA ALA A 395 -5.35 4.40 3.92
C ALA A 395 -5.68 4.93 5.30
N SER A 396 -5.02 4.41 6.33
CA SER A 396 -5.21 4.96 7.68
C SER A 396 -4.53 6.32 7.81
N TYR A 397 -3.30 6.45 7.29
CA TYR A 397 -2.54 7.68 7.45
C TYR A 397 -3.12 8.81 6.61
N ALA A 398 -3.51 8.52 5.37
CA ALA A 398 -4.06 9.55 4.49
C ALA A 398 -5.40 10.08 4.99
N TRP A 399 -6.13 9.30 5.79
CA TRP A 399 -7.40 9.75 6.31
C TRP A 399 -7.26 10.58 7.57
N ASN A 400 -6.27 10.27 8.41
CA ASN A 400 -6.11 10.93 9.71
C ASN A 400 -4.65 10.87 10.11
N PRO A 401 -3.82 11.77 9.57
CA PRO A 401 -2.40 11.77 9.97
C PRO A 401 -2.18 12.13 11.42
N ALA A 402 -3.07 12.92 12.02
CA ALA A 402 -2.91 13.32 13.41
C ALA A 402 -3.01 12.13 14.36
N LYS A 403 -3.81 11.13 14.00
CA LYS A 403 -4.01 9.95 14.83
C LYS A 403 -3.38 8.70 14.22
N TYR A 404 -2.36 8.87 13.39
CA TYR A 404 -1.75 7.75 12.68
C TYR A 404 -0.75 7.05 13.60
N ASP A 405 -1.19 5.97 14.23
CA ASP A 405 -0.31 5.11 15.00
C ASP A 405 0.36 4.12 14.05
N THR A 406 1.69 4.17 13.97
CA THR A 406 2.40 3.43 12.93
C THR A 406 2.35 1.92 13.18
N TRP A 407 2.92 1.47 14.30
CA TRP A 407 3.04 0.04 14.54
C TRP A 407 1.69 -0.61 14.81
N GLN A 408 0.78 0.10 15.47
CA GLN A 408 -0.55 -0.44 15.69
C GLN A 408 -1.28 -0.63 14.38
N THR A 409 -1.16 0.32 13.46
CA THR A 409 -1.78 0.17 12.14
C THR A 409 -1.13 -0.98 11.36
N TRP A 410 0.19 -1.15 11.49
CA TRP A 410 0.86 -2.24 10.81
C TRP A 410 0.35 -3.60 11.32
N LYS A 411 0.26 -3.75 12.65
CA LYS A 411 -0.27 -4.99 13.21
C LYS A 411 -1.74 -5.19 12.84
N ASP A 412 -2.51 -4.10 12.80
CA ASP A 412 -3.91 -4.21 12.42
C ASP A 412 -4.05 -4.65 10.96
N ALA A 413 -3.18 -4.17 10.09
CA ALA A 413 -3.18 -4.61 8.70
C ALA A 413 -2.84 -6.09 8.61
N ILE A 414 -1.82 -6.52 9.35
CA ILE A 414 -1.43 -7.92 9.35
C ILE A 414 -2.59 -8.80 9.80
N ARG A 415 -3.29 -8.39 10.85
CA ARG A 415 -4.42 -9.18 11.33
C ARG A 415 -5.59 -9.14 10.35
N THR A 416 -5.80 -8.01 9.69
CA THR A 416 -6.89 -7.90 8.72
C THR A 416 -6.65 -8.78 7.51
N ILE A 417 -5.40 -8.94 7.09
CA ILE A 417 -5.12 -9.72 5.89
C ILE A 417 -5.16 -11.22 6.19
N LEU A 418 -4.60 -11.64 7.32
CA LEU A 418 -4.57 -13.05 7.70
C LEU A 418 -4.79 -13.18 9.19
N PRO A 419 -6.06 -13.18 9.62
CA PRO A 419 -6.33 -13.26 11.07
C PRO A 419 -5.97 -14.61 11.66
N SER A 420 -6.13 -15.70 10.90
CA SER A 420 -5.81 -17.02 11.43
C SER A 420 -4.32 -17.15 11.75
N ALA A 421 -3.46 -16.51 10.98
CA ALA A 421 -2.03 -16.57 11.23
C ALA A 421 -1.46 -15.16 11.41
N ALA A 422 -2.13 -14.34 12.22
CA ALA A 422 -1.68 -12.97 12.43
C ALA A 422 -0.28 -12.93 13.03
N GLU A 423 -0.03 -13.74 14.06
CA GLU A 423 1.29 -13.75 14.69
C GLU A 423 2.36 -14.30 13.75
N GLU A 424 2.01 -15.31 12.96
CA GLU A 424 2.97 -15.91 12.05
C GLU A 424 3.34 -14.96 10.93
N LEU A 425 2.33 -14.33 10.31
CA LEU A 425 2.60 -13.31 9.31
C LEU A 425 3.36 -12.12 9.90
N GLU A 426 3.07 -11.79 11.16
CA GLU A 426 3.82 -10.73 11.83
C GLU A 426 5.29 -11.09 11.97
N CYS A 427 5.57 -12.32 12.41
CA CYS A 427 6.95 -12.77 12.57
C CYS A 427 7.67 -12.79 11.23
N PHE A 428 6.97 -13.20 10.16
CA PHE A 428 7.60 -13.21 8.85
C PHE A 428 7.88 -11.79 8.35
N ALA A 429 6.90 -10.90 8.48
CA ALA A 429 7.06 -9.54 7.99
C ALA A 429 8.10 -8.77 8.79
N MET A 430 8.30 -9.13 10.07
CA MET A 430 9.31 -8.46 10.88
C MET A 430 10.70 -8.64 10.29
N HIS A 431 10.93 -9.74 9.58
CA HIS A 431 12.24 -10.03 9.00
C HIS A 431 12.25 -9.88 7.47
N ASN A 432 11.16 -9.37 6.88
CA ASN A 432 11.15 -8.99 5.47
C ASN A 432 10.65 -7.54 5.41
N SER A 433 11.56 -6.62 5.66
CA SER A 433 11.25 -5.20 5.59
C SER A 433 12.27 -4.40 4.79
N ASP A 434 13.55 -4.72 4.92
CA ASP A 434 14.60 -3.94 4.28
C ASP A 434 14.68 -4.27 2.79
N LEU A 435 15.11 -3.28 2.02
CA LEU A 435 15.24 -3.45 0.58
C LEU A 435 16.61 -4.00 0.17
N GLY A 436 17.62 -3.88 1.03
CA GLY A 436 18.97 -4.24 0.68
C GLY A 436 19.64 -3.13 -0.08
N PRO A 437 20.89 -3.35 -0.50
CA PRO A 437 21.58 -2.33 -1.31
C PRO A 437 20.89 -2.17 -2.66
N ASN A 438 20.81 -0.91 -3.11
CA ASN A 438 20.17 -0.59 -4.38
C ASN A 438 20.66 0.77 -4.84
N GLY A 439 20.24 1.15 -6.05
CA GLY A 439 20.70 2.40 -6.64
C GLY A 439 20.02 3.63 -6.06
N HIS A 440 18.77 3.50 -5.62
CA HIS A 440 18.05 4.64 -5.06
C HIS A 440 18.45 4.94 -3.61
N GLY A 441 19.17 4.03 -2.95
CA GLY A 441 19.57 4.26 -1.58
C GLY A 441 18.47 4.16 -0.55
N TYR A 442 17.31 3.65 -0.93
CA TYR A 442 16.17 3.56 -0.03
C TYR A 442 16.31 2.34 0.88
N ARG A 443 16.25 2.56 2.18
CA ARG A 443 16.39 1.49 3.17
C ARG A 443 15.17 1.47 4.09
N ARG A 444 14.98 0.33 4.75
CA ARG A 444 13.90 0.13 5.71
C ARG A 444 14.43 -0.64 6.90
N GLU A 445 13.97 -0.27 8.10
CA GLU A 445 14.43 -0.91 9.32
C GLU A 445 13.82 -2.31 9.44
N GLU A 446 14.63 -3.27 9.85
CA GLU A 446 14.22 -4.67 9.85
C GLU A 446 14.92 -5.42 10.97
N SER A 447 14.22 -6.39 11.54
CA SER A 447 14.78 -7.32 12.54
C SER A 447 15.36 -6.56 13.73
N MET A 448 14.55 -5.64 14.28
CA MET A 448 15.05 -4.69 15.25
C MET A 448 15.10 -5.28 16.65
N ASP A 449 14.05 -5.99 17.07
CA ASP A 449 13.95 -6.45 18.46
C ASP A 449 15.06 -7.44 18.81
N ILE A 450 15.64 -8.11 17.82
CA ILE A 450 16.74 -9.05 18.08
C ILE A 450 18.10 -8.47 17.71
N GLN A 451 18.14 -7.29 17.10
CA GLN A 451 19.42 -6.68 16.74
C GLN A 451 20.35 -6.47 17.92
N PRO A 452 19.91 -6.00 19.09
CA PRO A 452 20.84 -5.90 20.23
C PRO A 452 21.42 -7.25 20.65
N ALA A 453 20.60 -8.29 20.65
CA ALA A 453 21.12 -9.62 21.00
C ALA A 453 22.15 -10.09 19.98
N ALA A 454 21.87 -9.90 18.70
CA ALA A 454 22.82 -10.28 17.67
C ALA A 454 24.13 -9.52 17.81
N GLU A 455 24.05 -8.21 18.09
CA GLU A 455 25.26 -7.42 18.24
C GLU A 455 26.06 -7.86 19.46
N ARG A 456 25.39 -8.09 20.58
CA ARG A 456 26.11 -8.52 21.78
C ARG A 456 26.75 -9.89 21.58
N PHE A 457 26.04 -10.81 20.92
CA PHE A 457 26.59 -12.15 20.71
C PHE A 457 27.77 -12.11 19.75
N LEU A 458 27.66 -11.34 18.66
CA LEU A 458 28.76 -11.22 17.73
C LEU A 458 29.96 -10.51 18.34
N LYS A 459 29.73 -9.59 19.28
CA LYS A 459 30.86 -8.98 19.98
C LYS A 459 31.49 -9.96 20.95
N ALA A 460 30.66 -10.78 21.61
CA ALA A 460 31.18 -11.73 22.59
C ALA A 460 31.98 -12.86 21.94
N PHE A 461 31.63 -13.24 20.71
CA PHE A 461 32.35 -14.31 20.04
C PHE A 461 33.37 -13.84 19.01
N LYS A 462 33.25 -12.61 18.52
CA LYS A 462 34.21 -12.11 17.54
C LYS A 462 35.59 -11.91 18.16
N GLU A 463 35.64 -11.59 19.46
CA GLU A 463 36.89 -11.40 20.18
C GLU A 463 37.31 -12.65 20.95
N GLY A 464 36.59 -13.76 20.81
CA GLY A 464 36.90 -14.98 21.51
C GLY A 464 36.46 -15.02 22.95
N LYS A 465 35.58 -14.10 23.37
CA LYS A 465 35.14 -14.03 24.75
C LYS A 465 34.03 -15.05 24.99
N ASN A 466 33.36 -14.93 26.15
CA ASN A 466 32.24 -15.80 26.48
C ASN A 466 30.94 -15.15 26.04
N TYR A 467 30.07 -15.94 25.42
CA TYR A 467 28.81 -15.43 24.91
C TYR A 467 27.80 -15.25 26.03
N ASP A 468 26.97 -14.22 25.92
CA ASP A 468 25.86 -14.05 26.84
C ASP A 468 24.84 -15.17 26.64
N LYS A 469 24.37 -15.74 27.76
CA LYS A 469 23.47 -16.87 27.66
C LYS A 469 22.06 -16.44 27.28
N ALA A 470 21.60 -15.30 27.81
CA ALA A 470 20.27 -14.79 27.46
C ALA A 470 20.17 -14.53 25.97
N ASP A 471 21.23 -14.02 25.35
CA ASP A 471 21.23 -13.79 23.91
C ASP A 471 21.16 -15.10 23.14
N PHE A 472 21.84 -16.15 23.64
CA PHE A 472 21.78 -17.45 23.01
C PHE A 472 20.36 -18.01 23.04
N GLU A 473 19.71 -17.93 24.21
CA GLU A 473 18.32 -18.39 24.30
C GLU A 473 17.41 -17.55 23.41
N THR A 474 17.67 -16.24 23.30
CA THR A 474 16.87 -15.40 22.43
C THR A 474 17.01 -15.80 20.97
N LEU A 475 18.24 -16.09 20.53
CA LEU A 475 18.46 -16.53 19.16
C LEU A 475 17.79 -17.88 18.90
N GLN A 476 17.87 -18.79 19.88
CA GLN A 476 17.15 -20.05 19.76
C GLN A 476 15.66 -19.82 19.56
N TYR A 477 15.07 -18.97 20.41
CA TYR A 477 13.64 -18.69 20.31
C TYR A 477 13.29 -18.08 18.96
N THR A 478 14.11 -17.15 18.47
CA THR A 478 13.81 -16.49 17.20
C THR A 478 13.88 -17.48 16.05
N PHE A 479 14.90 -18.34 16.01
CA PHE A 479 15.00 -19.30 14.92
C PHE A 479 13.86 -20.32 14.97
N GLU A 480 13.50 -20.77 16.18
CA GLU A 480 12.40 -21.71 16.31
C GLU A 480 11.09 -21.08 15.86
N ARG A 481 10.85 -19.82 16.24
CA ARG A 481 9.64 -19.13 15.84
C ARG A 481 9.62 -18.89 14.33
N MET A 482 10.79 -18.66 13.72
CA MET A 482 10.84 -18.51 12.27
C MET A 482 10.44 -19.81 11.57
N LYS A 483 11.00 -20.94 12.03
CA LYS A 483 10.60 -22.23 11.46
C LYS A 483 9.10 -22.44 11.60
N GLU A 484 8.57 -22.19 12.80
CA GLU A 484 7.14 -22.42 13.04
C GLU A 484 6.29 -21.53 12.14
N SER A 485 6.63 -20.24 12.06
CA SER A 485 5.84 -19.32 11.26
C SER A 485 5.89 -19.68 9.78
N ALA A 486 7.07 -20.10 9.29
CA ALA A 486 7.18 -20.47 7.89
C ALA A 486 6.33 -21.70 7.58
N ASP A 487 6.44 -22.74 8.40
CA ASP A 487 5.65 -23.94 8.14
C ASP A 487 4.16 -23.73 8.36
N ILE A 488 3.78 -22.73 9.16
CA ILE A 488 2.36 -22.43 9.31
C ILE A 488 1.84 -21.64 8.11
N LEU A 489 2.61 -20.66 7.65
CA LEU A 489 2.19 -19.85 6.51
C LEU A 489 2.14 -20.67 5.22
N LEU A 490 3.00 -21.70 5.10
CA LEU A 490 3.02 -22.47 3.86
C LEU A 490 1.70 -23.18 3.60
N MET A 491 0.94 -23.50 4.65
CA MET A 491 -0.26 -24.32 4.52
C MET A 491 -1.53 -23.55 4.83
N ASN A 492 -1.49 -22.22 4.77
CA ASN A 492 -2.68 -21.42 5.01
C ASN A 492 -3.54 -21.34 3.76
N THR A 493 -4.86 -21.44 3.96
CA THR A 493 -5.82 -21.36 2.85
C THR A 493 -6.79 -20.20 2.99
N GLU A 494 -6.74 -19.45 4.09
CA GLU A 494 -7.68 -18.35 4.27
C GLU A 494 -7.42 -17.23 3.27
N ASN A 495 -6.15 -16.96 2.96
CA ASN A 495 -5.75 -16.00 1.93
C ASN A 495 -4.75 -16.71 1.03
N LYS A 496 -5.27 -17.44 0.04
CA LYS A 496 -4.45 -18.23 -0.86
C LYS A 496 -3.58 -17.39 -1.78
N PRO A 497 -4.09 -16.29 -2.38
CA PRO A 497 -3.22 -15.46 -3.22
C PRO A 497 -1.99 -14.94 -2.49
N LEU A 498 -2.15 -14.55 -1.22
CA LEU A 498 -1.00 -14.08 -0.46
C LEU A 498 0.06 -15.18 -0.34
N ILE A 499 -0.36 -16.39 0.06
CA ILE A 499 0.58 -17.48 0.22
C ILE A 499 1.26 -17.82 -1.10
N VAL A 500 0.49 -17.81 -2.20
CA VAL A 500 1.08 -18.07 -3.50
C VAL A 500 2.10 -16.98 -3.85
N GLU A 501 1.86 -15.76 -3.38
CA GLU A 501 2.82 -14.69 -3.64
C GLU A 501 4.12 -14.88 -2.86
N ILE A 502 4.02 -15.31 -1.59
CA ILE A 502 5.17 -15.27 -0.70
C ILE A 502 5.78 -16.64 -0.44
N THR A 503 5.33 -17.69 -1.15
CA THR A 503 5.84 -19.03 -0.87
C THR A 503 7.36 -19.17 -1.04
N PRO A 504 7.99 -18.69 -2.13
CA PRO A 504 9.45 -18.87 -2.23
C PRO A 504 10.22 -18.14 -1.14
N TRP A 505 9.77 -16.95 -0.77
CA TRP A 505 10.41 -16.22 0.32
C TRP A 505 10.20 -16.94 1.65
N VAL A 506 9.05 -17.59 1.84
CA VAL A 506 8.85 -18.38 3.05
C VAL A 506 9.77 -19.59 3.08
N HIS A 507 10.02 -20.21 1.92
CA HIS A 507 10.97 -21.31 1.85
C HIS A 507 12.37 -20.83 2.23
N GLN A 508 12.82 -19.72 1.64
CA GLN A 508 14.11 -19.16 1.99
C GLN A 508 14.18 -18.78 3.46
N PHE A 509 13.06 -18.30 4.01
CA PHE A 509 12.99 -17.93 5.42
C PHE A 509 13.18 -19.15 6.31
N LYS A 510 12.48 -20.23 6.00
CA LYS A 510 12.64 -21.47 6.77
C LYS A 510 14.05 -22.01 6.66
N LEU A 511 14.65 -21.92 5.48
CA LEU A 511 16.04 -22.38 5.33
C LEU A 511 16.99 -21.53 6.14
N THR A 512 16.75 -20.21 6.22
CA THR A 512 17.59 -19.35 7.04
C THR A 512 17.44 -19.71 8.52
N ALA A 513 16.21 -19.97 8.96
CA ALA A 513 15.99 -20.39 10.34
C ALA A 513 16.72 -21.70 10.64
N GLU A 514 16.66 -22.66 9.72
CA GLU A 514 17.34 -23.94 9.94
C GLU A 514 18.86 -23.76 9.99
N MET A 515 19.41 -22.94 9.08
CA MET A 515 20.85 -22.71 9.09
C MET A 515 21.29 -22.03 10.38
N GLY A 516 20.50 -21.06 10.86
CA GLY A 516 20.83 -20.42 12.13
C GLY A 516 20.76 -21.38 13.30
N GLU A 517 19.75 -22.26 13.30
CA GLU A 517 19.64 -23.27 14.35
C GLU A 517 20.86 -24.20 14.34
N GLU A 518 21.29 -24.63 13.16
CA GLU A 518 22.44 -25.51 13.08
C GLU A 518 23.73 -24.79 13.47
N VAL A 519 23.82 -23.49 13.20
CA VAL A 519 25.00 -22.75 13.66
C VAL A 519 24.99 -22.60 15.18
N LEU A 520 23.81 -22.39 15.75
CA LEU A 520 23.70 -22.33 17.22
C LEU A 520 24.04 -23.67 17.86
N LYS A 521 23.80 -24.77 17.14
CA LYS A 521 24.28 -26.06 17.62
C LYS A 521 25.76 -26.25 17.32
N MET A 522 26.31 -25.50 16.36
CA MET A 522 27.74 -25.55 16.05
C MET A 522 28.57 -24.81 17.09
N VAL A 523 28.03 -23.77 17.72
CA VAL A 523 28.81 -23.06 18.73
C VAL A 523 28.86 -23.82 20.05
N GLU A 524 27.98 -24.80 20.25
CA GLU A 524 28.07 -25.71 21.40
C GLU A 524 28.61 -27.04 20.86
N GLY A 525 29.94 -27.15 20.82
CA GLY A 525 30.58 -28.36 20.34
C GLY A 525 30.64 -29.45 21.37
N ASN A 527 31.66 -32.22 20.51
CA ASN A 527 32.85 -32.91 20.05
C ASN A 527 33.23 -32.49 18.64
N GLU A 528 34.04 -33.31 17.97
CA GLU A 528 34.54 -33.01 16.63
C GLU A 528 33.58 -33.50 15.55
N SER A 529 33.10 -34.75 15.68
CA SER A 529 32.23 -35.32 14.66
C SER A 529 30.92 -34.55 14.57
N TYR A 530 30.35 -34.17 15.71
CA TYR A 530 29.13 -33.38 15.71
C TYR A 530 29.33 -32.06 14.98
N PHE A 531 30.46 -31.40 15.23
CA PHE A 531 30.77 -30.14 14.55
C PHE A 531 30.89 -30.35 13.05
N LEU A 532 31.57 -31.42 12.63
CA LEU A 532 31.72 -31.68 11.20
C LEU A 532 30.37 -31.96 10.54
N ARG A 533 29.52 -32.72 11.22
CA ARG A 533 28.18 -33.00 10.70
C ARG A 533 27.39 -31.71 10.52
N LYS A 534 27.40 -30.84 11.53
CA LYS A 534 26.69 -29.57 11.41
C LYS A 534 27.29 -28.68 10.33
N TYR A 535 28.61 -28.75 10.14
CA TYR A 535 29.24 -27.96 9.09
C TYR A 535 28.78 -28.40 7.71
N ASN A 536 28.76 -29.71 7.47
CA ASN A 536 28.24 -30.23 6.21
C ASN A 536 26.77 -29.86 6.03
N HIS A 537 26.00 -29.89 7.12
CA HIS A 537 24.59 -29.52 7.06
C HIS A 537 24.42 -28.06 6.64
N VAL A 538 25.23 -27.16 7.21
CA VAL A 538 25.15 -25.75 6.88
C VAL A 538 25.55 -25.51 5.43
N LYS A 539 26.57 -26.22 4.94
CA LYS A 539 26.93 -26.11 3.54
C LYS A 539 25.79 -26.55 2.64
N ALA A 540 25.12 -27.65 3.00
CA ALA A 540 23.98 -28.12 2.22
C ALA A 540 22.85 -27.09 2.22
N LEU A 541 22.64 -26.41 3.35
CA LEU A 541 21.59 -25.39 3.40
C LEU A 541 21.94 -24.19 2.54
N GLN A 542 23.23 -23.82 2.48
CA GLN A 542 23.64 -22.76 1.57
C GLN A 542 23.41 -23.15 0.12
N GLN A 543 23.68 -24.43 -0.22
CA GLN A 543 23.36 -24.91 -1.56
C GLN A 543 21.86 -24.82 -1.84
N GLN A 544 21.04 -25.19 -0.86
CA GLN A 544 19.59 -25.07 -0.99
C GLN A 544 19.20 -23.62 -1.30
N MET A 545 19.78 -22.67 -0.57
CA MET A 545 19.47 -21.27 -0.79
C MET A 545 19.88 -20.81 -2.18
N PHE A 546 21.05 -21.26 -2.65
CA PHE A 546 21.48 -20.89 -4.00
C PHE A 546 20.54 -21.48 -5.05
N TYR A 547 20.03 -22.69 -4.80
CA TYR A 547 19.07 -23.29 -5.71
C TYR A 547 17.79 -22.46 -5.79
N ILE A 548 17.27 -22.06 -4.62
CA ILE A 548 16.07 -21.22 -4.61
C ILE A 548 16.35 -19.88 -5.28
N ASP A 549 17.56 -19.35 -5.08
CA ASP A 549 17.94 -18.07 -5.69
C ASP A 549 17.97 -18.17 -7.21
N GLN A 550 18.42 -19.30 -7.74
CA GLN A 550 18.55 -19.46 -9.19
C GLN A 550 17.30 -20.03 -9.86
N THR A 551 16.33 -20.52 -9.09
CA THR A 551 15.11 -21.06 -9.69
C THR A 551 13.91 -20.12 -9.54
N SER A 552 13.62 -19.67 -8.32
CA SER A 552 12.43 -18.88 -8.08
C SER A 552 12.67 -17.39 -8.37
N ASN A 553 11.61 -16.72 -8.83
CA ASN A 553 11.63 -15.29 -9.10
C ASN A 553 12.75 -14.92 -10.08
N GLN A 554 12.66 -15.46 -11.28
CA GLN A 554 13.63 -15.18 -12.34
C GLN A 554 13.07 -14.05 -13.20
N ASN A 555 13.69 -12.88 -13.10
CA ASN A 555 13.32 -11.71 -13.87
C ASN A 555 14.58 -11.07 -14.44
N PRO A 556 14.44 -10.23 -15.47
CA PRO A 556 15.64 -9.68 -16.13
C PRO A 556 16.51 -8.80 -15.23
N TYR A 557 15.92 -8.10 -14.26
CA TYR A 557 16.64 -7.06 -13.54
C TYR A 557 17.14 -7.50 -12.16
N GLN A 558 16.27 -7.99 -11.30
CA GLN A 558 16.65 -8.46 -9.96
C GLN A 558 16.10 -9.86 -9.75
N PRO A 559 16.75 -10.87 -10.33
CA PRO A 559 16.28 -12.24 -10.17
C PRO A 559 16.62 -12.81 -8.80
N GLY A 560 15.83 -13.80 -8.39
CA GLY A 560 16.12 -14.57 -7.21
C GLY A 560 15.30 -14.17 -6.00
N VAL A 561 15.62 -14.82 -4.89
CA VAL A 561 14.89 -14.67 -3.64
C VAL A 561 15.88 -14.32 -2.55
N LYS A 562 15.58 -13.26 -1.79
CA LYS A 562 16.38 -12.84 -0.65
C LYS A 562 15.47 -12.56 0.53
N THR A 563 15.96 -12.84 1.73
CA THR A 563 15.18 -12.59 2.94
C THR A 563 16.11 -12.40 4.13
N ALA A 564 15.64 -11.62 5.11
CA ALA A 564 16.35 -11.42 6.37
C ALA A 564 17.78 -10.93 6.16
N THR A 565 17.99 -10.16 5.08
CA THR A 565 19.34 -9.72 4.72
C THR A 565 19.85 -8.58 5.57
N ARG A 566 19.02 -8.00 6.43
CA ARG A 566 19.47 -6.87 7.25
C ARG A 566 20.30 -7.35 8.44
N VAL A 567 19.79 -8.33 9.18
CA VAL A 567 20.44 -8.71 10.44
C VAL A 567 20.75 -10.20 10.47
N ILE A 568 19.75 -11.03 10.16
CA ILE A 568 19.86 -12.46 10.41
C ILE A 568 20.97 -13.08 9.55
N LYS A 569 20.93 -12.86 8.23
CA LYS A 569 21.93 -13.46 7.36
C LYS A 569 23.35 -12.99 7.66
N PRO A 570 23.62 -11.70 7.87
CA PRO A 570 24.99 -11.31 8.27
C PRO A 570 25.42 -11.93 9.59
N LEU A 571 24.53 -11.95 10.58
CA LEU A 571 24.87 -12.56 11.86
C LEU A 571 25.23 -14.03 11.69
N ILE A 572 24.44 -14.77 10.91
CA ILE A 572 24.70 -16.18 10.70
C ILE A 572 26.02 -16.39 9.99
N ASP A 573 26.26 -15.63 8.92
CA ASP A 573 27.50 -15.79 8.17
C ASP A 573 28.71 -15.46 9.04
N ARG A 574 28.62 -14.40 9.85
CA ARG A 574 29.76 -14.00 10.66
C ARG A 574 30.03 -15.00 11.79
N THR A 575 28.97 -15.49 12.45
CA THR A 575 29.16 -16.49 13.49
C THR A 575 29.72 -17.79 12.90
N PHE A 576 29.23 -18.18 11.73
CA PHE A 576 29.75 -19.36 11.05
C PHE A 576 31.23 -19.20 10.74
N ALA A 577 31.61 -18.05 10.18
CA ALA A 577 33.01 -17.81 9.87
C ALA A 577 33.88 -17.82 11.12
N THR A 578 33.38 -17.23 12.20
CA THR A 578 34.14 -17.17 13.45
C THR A 578 34.39 -18.57 14.00
N VAL A 579 33.32 -19.37 14.13
CA VAL A 579 33.50 -20.71 14.70
C VAL A 579 34.32 -21.59 13.76
N VAL A 580 34.20 -21.38 12.44
CA VAL A 580 34.96 -22.18 11.49
C VAL A 580 36.44 -21.84 11.58
N LYS A 581 36.78 -20.56 11.72
CA LYS A 581 38.19 -20.19 11.87
C LYS A 581 38.75 -20.66 13.19
N PHE A 582 37.95 -20.60 14.26
CA PHE A 582 38.39 -21.16 15.53
C PHE A 582 38.68 -22.65 15.42
N PHE A 583 37.80 -23.40 14.73
CA PHE A 583 38.04 -24.82 14.54
C PHE A 583 39.25 -25.07 13.64
N ASN A 584 39.45 -24.22 12.63
CA ASN A 584 40.57 -24.39 11.70
C ASN A 584 41.89 -24.18 12.41
N GLN A 585 41.98 -23.17 13.25
CA GLN A 585 43.21 -22.93 14.01
C GLN A 585 43.32 -23.80 15.24
N LYS A 586 42.25 -24.50 15.62
CA LYS A 586 42.30 -25.44 16.74
C LYS A 586 42.63 -26.86 16.29
N PHE A 587 42.45 -27.18 15.01
CA PHE A 587 42.70 -28.54 14.54
C PHE A 587 43.51 -28.58 13.24
N ASN A 588 44.15 -27.48 12.85
CA ASN A 588 44.93 -27.40 11.61
C ASN A 588 44.09 -27.74 10.38
N ALA A 589 42.80 -27.43 10.43
CA ALA A 589 41.91 -27.67 9.31
C ALA A 589 41.84 -26.45 8.39
N HIS A 590 41.27 -26.65 7.21
CA HIS A 590 41.20 -25.60 6.18
C HIS A 590 39.80 -25.57 5.56
N LEU A 591 38.78 -25.55 6.40
CA LEU A 591 37.40 -25.57 5.93
C LEU A 591 37.06 -24.32 5.11
N ASP A 592 36.17 -24.49 4.16
CA ASP A 592 35.74 -23.41 3.26
C ASP A 592 34.62 -22.63 3.93
N ALA A 593 34.93 -21.43 4.41
CA ALA A 593 33.96 -20.60 5.11
C ALA A 593 33.25 -19.60 4.18
N THR A 594 33.40 -19.76 2.87
CA THR A 594 32.76 -18.83 1.94
C THR A 594 31.26 -19.06 1.88
N THR A 595 30.50 -17.97 1.88
CA THR A 595 29.04 -18.04 1.79
C THR A 595 28.52 -17.11 0.69
#